data_1PHP
#
_entry.id   1PHP
#
_cell.length_a   40.410
_cell.length_b   73.930
_cell.length_c   68.570
_cell.angle_alpha   90.00
_cell.angle_beta   99.80
_cell.angle_gamma   90.00
#
_symmetry.space_group_name_H-M   'P 1 21 1'
#
loop_
_entity.id
_entity.type
_entity.pdbx_description
1 polymer '3-PHOSPHOGLYCERATE KINASE'
2 non-polymer 'MAGNESIUM ION'
3 non-polymer "ADENOSINE-5'-DIPHOSPHATE"
4 water water
#
_entity_poly.entity_id   1
_entity_poly.type   'polypeptide(L)'
_entity_poly.pdbx_seq_one_letter_code
;MNKKTIRDVDVRGKRVFCRVDFNVPMEQGAITDDTRIRAALPTIRYLIEHGAKVILASHLGRPKGKVVEELRLDAVAKRL
GELLERPVAKTNEAVGDEVKAAVDRLNEGDVLLLENVRFYPGEEKNDPELAKAFAELADLYVNDAFGAAHRAHASTEGIA
HYLPAVAGFLMEKELEVLGKALSNPDRPFTAIIGGAKVKDKIGVIDNLLEKVDNLIIGGGLAYTFVKALGHDVGKSLLEE
DKIELAKSFMEKAKEKGVRFYMPVDVVVADRFANDANTKVVPIDAIPADWSALDIGPKTRELYRDVIRESKLVVWNGPMG
VFEMDAFAHGTKAIAEALAEALDTYSVIGGGDSAAAVEKFGLADKMDHISTGGGASLEFMEGKQLPGVVALEDK
;
_entity_poly.pdbx_strand_id   A
#
loop_
_chem_comp.id
_chem_comp.type
_chem_comp.name
_chem_comp.formula
ADP non-polymer ADENOSINE-5'-DIPHOSPHATE 'C10 H15 N5 O10 P2'
MG non-polymer 'MAGNESIUM ION' 'Mg 2'
#
# COMPACT_ATOMS: atom_id res chain seq x y z
N MET A 1 -2.59 11.84 10.86
CA MET A 1 -3.39 12.57 11.88
C MET A 1 -2.99 14.03 11.62
N ASN A 2 -3.67 14.97 12.25
CA ASN A 2 -3.47 16.41 12.18
C ASN A 2 -3.54 17.03 10.79
N LYS A 3 -4.12 16.43 9.78
CA LYS A 3 -4.22 17.17 8.51
C LYS A 3 -5.70 17.58 8.33
N LYS A 4 -5.89 18.74 7.72
CA LYS A 4 -7.26 19.22 7.44
C LYS A 4 -7.85 18.30 6.34
N THR A 5 -9.17 18.08 6.33
CA THR A 5 -9.85 17.23 5.35
C THR A 5 -10.92 18.05 4.66
N ILE A 6 -11.65 17.48 3.74
CA ILE A 6 -12.75 18.14 2.99
C ILE A 6 -13.87 18.53 3.94
N ARG A 7 -13.96 17.92 5.09
CA ARG A 7 -15.00 18.28 6.09
C ARG A 7 -14.66 19.62 6.77
N ASP A 8 -13.40 20.03 6.74
CA ASP A 8 -12.95 21.29 7.29
C ASP A 8 -12.99 22.46 6.33
N VAL A 9 -13.51 22.49 5.15
CA VAL A 9 -13.51 23.62 4.26
C VAL A 9 -14.88 23.66 3.55
N ASP A 10 -15.35 24.86 3.23
CA ASP A 10 -16.64 24.96 2.53
C ASP A 10 -16.33 24.73 1.04
N VAL A 11 -16.89 23.70 0.41
CA VAL A 11 -16.59 23.45 -1.01
C VAL A 11 -17.73 23.94 -1.86
N ARG A 12 -18.86 24.42 -1.28
CA ARG A 12 -19.92 24.89 -2.20
C ARG A 12 -19.55 25.88 -3.28
N GLY A 13 -19.78 25.56 -4.54
CA GLY A 13 -19.49 26.37 -5.72
C GLY A 13 -18.03 26.53 -6.08
N LYS A 14 -17.07 25.95 -5.37
CA LYS A 14 -15.62 25.97 -5.66
C LYS A 14 -15.17 24.92 -6.67
N ARG A 15 -14.16 25.24 -7.48
CA ARG A 15 -13.57 24.31 -8.47
C ARG A 15 -12.57 23.50 -7.63
N VAL A 16 -12.80 22.19 -7.55
CA VAL A 16 -11.98 21.34 -6.67
C VAL A 16 -11.16 20.31 -7.50
N PHE A 17 -9.84 20.46 -7.43
CA PHE A 17 -8.92 19.54 -8.20
C PHE A 17 -8.71 18.36 -7.21
N CYS A 18 -9.12 17.17 -7.61
CA CYS A 18 -8.99 16.05 -6.66
C CYS A 18 -8.06 14.93 -7.22
N ARG A 19 -6.95 14.77 -6.53
CA ARG A 19 -6.05 13.67 -7.06
C ARG A 19 -6.56 12.34 -6.43
N VAL A 20 -6.89 11.44 -7.37
CA VAL A 20 -7.39 10.12 -6.97
C VAL A 20 -6.49 9.03 -7.65
N ASP A 21 -6.69 7.82 -7.11
CA ASP A 21 -5.92 6.69 -7.68
C ASP A 21 -6.92 5.80 -8.50
N PHE A 22 -6.88 6.00 -9.81
CA PHE A 22 -7.77 5.18 -10.69
C PHE A 22 -6.82 4.29 -11.53
N ASN A 23 -5.68 3.89 -10.97
CA ASN A 23 -4.74 3.05 -11.79
C ASN A 23 -5.21 1.61 -11.74
N VAL A 24 -6.22 1.31 -12.54
CA VAL A 24 -6.82 -0.03 -12.56
C VAL A 24 -6.27 -0.94 -13.68
N PRO A 25 -6.33 -2.23 -13.35
CA PRO A 25 -5.91 -3.25 -14.31
C PRO A 25 -6.89 -3.36 -15.46
N MET A 26 -6.41 -3.43 -16.67
CA MET A 26 -7.14 -3.53 -17.92
C MET A 26 -6.62 -4.65 -18.84
N GLU A 27 -7.54 -5.16 -19.65
CA GLU A 27 -7.19 -6.14 -20.68
C GLU A 27 -8.08 -5.89 -21.91
N GLN A 28 -7.43 -5.66 -23.04
CA GLN A 28 -8.27 -5.45 -24.25
C GLN A 28 -9.20 -4.24 -24.14
N GLY A 29 -8.75 -3.18 -23.47
CA GLY A 29 -9.50 -1.96 -23.28
C GLY A 29 -10.63 -2.07 -22.28
N ALA A 30 -10.68 -3.10 -21.50
CA ALA A 30 -11.75 -3.25 -20.49
C ALA A 30 -11.13 -3.36 -19.09
N ILE A 31 -11.76 -2.78 -18.07
CA ILE A 31 -11.27 -2.79 -16.71
C ILE A 31 -11.53 -4.19 -16.16
N THR A 32 -10.55 -4.79 -15.50
CA THR A 32 -10.80 -6.15 -14.95
C THR A 32 -11.04 -6.09 -13.46
N ASP A 33 -10.69 -5.00 -12.76
CA ASP A 33 -10.92 -4.93 -11.33
C ASP A 33 -11.16 -3.40 -11.06
N ASP A 34 -12.38 -3.10 -10.65
CA ASP A 34 -12.63 -1.67 -10.37
C ASP A 34 -12.46 -1.39 -8.88
N THR A 35 -11.84 -2.10 -7.99
CA THR A 35 -11.71 -1.81 -6.60
C THR A 35 -11.27 -0.35 -6.34
N ARG A 36 -10.26 0.13 -7.06
CA ARG A 36 -9.78 1.51 -6.75
C ARG A 36 -10.77 2.60 -7.03
N ILE A 37 -11.58 2.42 -8.06
CA ILE A 37 -12.64 3.38 -8.43
C ILE A 37 -13.66 3.40 -7.29
N ARG A 38 -14.03 2.19 -6.84
CA ARG A 38 -15.01 2.04 -5.74
C ARG A 38 -14.50 2.69 -4.47
N ALA A 39 -13.22 2.58 -4.16
CA ALA A 39 -12.58 3.10 -2.97
C ALA A 39 -12.68 4.66 -2.95
N ALA A 40 -12.74 5.30 -4.10
CA ALA A 40 -12.80 6.78 -4.19
C ALA A 40 -14.22 7.31 -4.03
N LEU A 41 -15.29 6.52 -4.10
CA LEU A 41 -16.65 7.10 -4.05
C LEU A 41 -17.03 7.96 -2.88
N PRO A 42 -16.72 7.62 -1.65
CA PRO A 42 -17.08 8.43 -0.49
C PRO A 42 -16.62 9.88 -0.66
N THR A 43 -15.36 10.04 -1.05
CA THR A 43 -14.84 11.39 -1.22
C THR A 43 -15.66 12.09 -2.32
N ILE A 44 -15.77 11.38 -3.45
CA ILE A 44 -16.44 11.99 -4.62
C ILE A 44 -17.91 12.36 -4.33
N ARG A 45 -18.60 11.44 -3.72
CA ARG A 45 -20.02 11.73 -3.39
C ARG A 45 -20.10 12.93 -2.44
N TYR A 46 -19.22 13.02 -1.46
CA TYR A 46 -19.34 14.17 -0.52
C TYR A 46 -19.22 15.45 -1.26
N LEU A 47 -18.22 15.54 -2.17
CA LEU A 47 -18.00 16.77 -2.94
C LEU A 47 -19.21 17.12 -3.80
N ILE A 48 -19.77 16.13 -4.49
CA ILE A 48 -20.92 16.36 -5.35
C ILE A 48 -22.08 16.92 -4.50
N GLU A 49 -22.37 16.22 -3.42
CA GLU A 49 -23.47 16.61 -2.54
C GLU A 49 -23.38 18.02 -1.96
N HIS A 50 -22.17 18.41 -1.69
CA HIS A 50 -21.91 19.73 -1.13
C HIS A 50 -21.73 20.81 -2.17
N GLY A 51 -21.98 20.59 -3.42
CA GLY A 51 -21.91 21.52 -4.47
C GLY A 51 -20.62 21.93 -5.07
N ALA A 52 -19.55 21.11 -4.92
CA ALA A 52 -18.29 21.45 -5.59
C ALA A 52 -18.39 21.19 -7.10
N LYS A 53 -17.53 21.80 -7.89
CA LYS A 53 -17.34 21.58 -9.36
C LYS A 53 -16.08 20.64 -9.26
N VAL A 54 -16.32 19.37 -9.47
CA VAL A 54 -15.27 18.32 -9.22
C VAL A 54 -14.43 17.99 -10.44
N ILE A 55 -13.13 18.24 -10.26
CA ILE A 55 -12.16 17.99 -11.35
C ILE A 55 -11.27 16.80 -10.88
N LEU A 56 -11.41 15.65 -11.51
CA LEU A 56 -10.61 14.46 -11.05
C LEU A 56 -9.35 14.32 -11.94
N ALA A 57 -8.28 13.90 -11.25
CA ALA A 57 -6.98 13.71 -11.95
C ALA A 57 -6.40 12.33 -11.42
N SER A 58 -5.95 11.55 -12.40
CA SER A 58 -5.30 10.27 -12.01
C SER A 58 -4.28 10.00 -13.14
N HIS A 59 -3.42 8.99 -12.72
CA HIS A 59 -2.45 8.41 -13.71
C HIS A 59 -3.01 6.97 -14.01
N LEU A 60 -2.56 6.35 -15.06
CA LEU A 60 -2.94 4.95 -15.41
C LEU A 60 -1.64 4.41 -16.10
N GLY A 61 -1.19 3.29 -15.56
CA GLY A 61 0.06 2.69 -16.08
C GLY A 61 1.28 3.63 -16.02
N ARG A 62 2.15 3.38 -17.03
CA ARG A 62 3.42 4.07 -17.20
C ARG A 62 3.67 4.54 -18.62
N PRO A 63 3.01 5.62 -19.08
CA PRO A 63 3.18 6.18 -20.42
C PRO A 63 4.52 6.86 -20.72
N LYS A 64 5.24 7.18 -19.65
CA LYS A 64 6.54 7.83 -19.77
C LYS A 64 6.53 9.18 -20.48
N GLY A 65 5.55 10.05 -20.06
CA GLY A 65 5.58 11.37 -20.58
C GLY A 65 5.21 11.53 -22.00
N LYS A 66 4.35 10.69 -22.54
CA LYS A 66 3.87 10.87 -23.92
C LYS A 66 2.47 10.23 -23.96
N VAL A 67 1.79 10.56 -25.07
CA VAL A 67 0.42 9.93 -25.22
C VAL A 67 0.57 8.47 -25.62
N VAL A 68 -0.08 7.58 -24.94
CA VAL A 68 -0.16 6.14 -25.20
C VAL A 68 -1.68 5.91 -25.31
N GLU A 69 -2.16 5.66 -26.52
CA GLU A 69 -3.61 5.50 -26.79
C GLU A 69 -4.27 4.56 -25.88
N GLU A 70 -3.64 3.44 -25.61
CA GLU A 70 -4.15 2.40 -24.74
C GLU A 70 -4.23 2.76 -23.26
N LEU A 71 -3.63 3.87 -22.82
CA LEU A 71 -3.61 4.30 -21.43
C LEU A 71 -4.50 5.55 -21.26
N ARG A 72 -5.36 5.81 -22.22
CA ARG A 72 -6.32 6.93 -22.00
C ARG A 72 -7.31 6.53 -20.93
N LEU A 73 -7.97 7.51 -20.26
CA LEU A 73 -8.91 7.22 -19.22
C LEU A 73 -10.41 7.05 -19.59
N ASP A 74 -10.70 6.84 -20.86
CA ASP A 74 -12.13 6.66 -21.29
C ASP A 74 -12.89 5.56 -20.61
N ALA A 75 -12.32 4.35 -20.52
CA ALA A 75 -12.94 3.24 -19.84
C ALA A 75 -13.27 3.57 -18.39
N VAL A 76 -12.33 4.16 -17.65
CA VAL A 76 -12.56 4.57 -16.25
C VAL A 76 -13.72 5.61 -16.10
N ALA A 77 -13.77 6.62 -16.96
CA ALA A 77 -14.78 7.67 -16.95
C ALA A 77 -16.15 6.94 -17.07
N LYS A 78 -16.22 6.03 -18.03
CA LYS A 78 -17.40 5.22 -18.29
C LYS A 78 -17.85 4.50 -17.04
N ARG A 79 -16.94 3.76 -16.43
CA ARG A 79 -17.24 2.98 -15.23
C ARG A 79 -17.65 3.87 -14.06
N LEU A 80 -16.95 5.00 -13.90
CA LEU A 80 -17.27 5.93 -12.77
C LEU A 80 -18.73 6.43 -12.94
N GLY A 81 -19.10 6.81 -14.14
CA GLY A 81 -20.48 7.29 -14.42
C GLY A 81 -21.47 6.21 -14.00
N GLU A 82 -21.23 4.95 -14.31
CA GLU A 82 -22.11 3.84 -13.94
C GLU A 82 -22.23 3.78 -12.45
N LEU A 83 -21.15 3.82 -11.70
CA LEU A 83 -21.16 3.75 -10.25
C LEU A 83 -21.79 4.97 -9.56
N LEU A 84 -21.60 6.12 -10.15
CA LEU A 84 -22.19 7.33 -9.58
C LEU A 84 -23.63 7.47 -10.08
N GLU A 85 -23.94 6.90 -11.23
CA GLU A 85 -25.28 7.00 -11.84
C GLU A 85 -25.53 8.43 -12.24
N ARG A 86 -24.55 9.13 -12.72
CA ARG A 86 -24.44 10.47 -13.20
C ARG A 86 -23.29 10.49 -14.23
N PRO A 87 -23.58 11.30 -15.24
CA PRO A 87 -22.59 11.44 -16.34
C PRO A 87 -21.30 12.02 -15.76
N VAL A 88 -20.19 11.66 -16.39
CA VAL A 88 -18.87 12.17 -16.01
C VAL A 88 -18.31 12.74 -17.31
N ALA A 89 -17.95 13.97 -17.40
CA ALA A 89 -17.38 14.56 -18.59
C ALA A 89 -15.91 14.07 -18.64
N LYS A 90 -15.32 14.00 -19.83
CA LYS A 90 -13.89 13.54 -19.83
C LYS A 90 -13.19 14.25 -20.95
N THR A 91 -12.02 14.87 -20.73
CA THR A 91 -11.27 15.54 -21.78
C THR A 91 -10.06 14.66 -22.22
N ASN A 92 -9.59 15.00 -23.41
CA ASN A 92 -8.43 14.24 -23.95
C ASN A 92 -7.12 14.90 -23.57
N GLU A 93 -7.08 15.94 -22.79
CA GLU A 93 -5.87 16.57 -22.29
C GLU A 93 -6.07 16.84 -20.82
N ALA A 94 -5.04 17.30 -20.13
CA ALA A 94 -5.14 17.60 -18.72
C ALA A 94 -4.90 19.07 -18.40
N VAL A 95 -4.41 19.84 -19.37
CA VAL A 95 -4.14 21.29 -19.24
C VAL A 95 -4.48 21.90 -20.61
N GLY A 96 -4.53 23.24 -20.67
CA GLY A 96 -4.79 23.85 -22.00
C GLY A 96 -6.19 24.44 -22.19
N ASP A 97 -6.38 25.14 -23.31
CA ASP A 97 -7.69 25.78 -23.45
C ASP A 97 -8.90 24.84 -23.52
N GLU A 98 -8.75 23.71 -24.15
CA GLU A 98 -9.92 22.85 -24.18
C GLU A 98 -10.33 22.48 -22.78
N VAL A 99 -9.35 22.17 -21.91
CA VAL A 99 -9.61 21.83 -20.53
C VAL A 99 -10.21 23.06 -19.79
N LYS A 100 -9.64 24.25 -20.00
CA LYS A 100 -10.21 25.46 -19.34
C LYS A 100 -11.70 25.64 -19.76
N ALA A 101 -12.06 25.41 -20.98
CA ALA A 101 -13.44 25.54 -21.46
C ALA A 101 -14.32 24.53 -20.76
N ALA A 102 -13.88 23.26 -20.64
CA ALA A 102 -14.65 22.20 -19.93
C ALA A 102 -14.85 22.53 -18.48
N VAL A 103 -13.86 23.02 -17.72
CA VAL A 103 -14.04 23.40 -16.30
C VAL A 103 -15.10 24.55 -16.12
N ASP A 104 -15.01 25.51 -17.07
CA ASP A 104 -15.90 26.69 -17.09
C ASP A 104 -17.36 26.29 -17.30
N ARG A 105 -17.62 25.27 -18.02
CA ARG A 105 -18.94 24.71 -18.33
C ARG A 105 -19.52 23.85 -17.19
N LEU A 106 -18.75 23.52 -16.11
CA LEU A 106 -19.24 22.74 -14.99
C LEU A 106 -20.18 23.55 -14.06
N ASN A 107 -21.25 22.92 -13.62
CA ASN A 107 -22.10 23.57 -12.62
C ASN A 107 -21.83 22.86 -11.29
N GLU A 108 -22.37 23.34 -10.18
CA GLU A 108 -22.24 22.72 -8.87
C GLU A 108 -22.77 21.29 -8.94
N GLY A 109 -21.99 20.33 -8.47
CA GLY A 109 -22.28 18.92 -8.45
C GLY A 109 -21.82 18.16 -9.68
N ASP A 110 -21.32 18.81 -10.72
CA ASP A 110 -20.88 18.17 -11.96
C ASP A 110 -19.43 17.59 -11.79
N VAL A 111 -19.15 16.55 -12.53
CA VAL A 111 -17.82 15.85 -12.46
C VAL A 111 -17.15 15.84 -13.83
N LEU A 112 -15.84 16.15 -13.80
CA LEU A 112 -14.99 16.18 -15.01
C LEU A 112 -13.69 15.33 -14.72
N LEU A 113 -13.37 14.35 -15.55
CA LEU A 113 -12.12 13.55 -15.41
C LEU A 113 -11.16 14.03 -16.46
N LEU A 114 -10.00 14.48 -16.03
CA LEU A 114 -8.93 14.93 -16.93
C LEU A 114 -8.21 13.67 -17.50
N GLU A 115 -7.54 13.91 -18.62
CA GLU A 115 -6.79 12.80 -19.26
C GLU A 115 -5.60 12.40 -18.32
N ASN A 116 -5.06 11.18 -18.46
CA ASN A 116 -3.94 10.59 -17.70
C ASN A 116 -2.86 11.61 -17.54
N VAL A 117 -2.57 11.94 -16.27
CA VAL A 117 -1.55 13.00 -16.01
C VAL A 117 -0.14 12.62 -16.42
N ARG A 118 0.07 11.30 -16.52
CA ARG A 118 1.46 10.90 -16.91
C ARG A 118 1.81 10.93 -18.36
N PHE A 119 0.93 11.48 -19.21
CA PHE A 119 1.06 11.80 -20.65
C PHE A 119 1.99 13.02 -20.82
N TYR A 120 2.19 13.74 -19.71
CA TYR A 120 3.02 14.95 -19.68
C TYR A 120 4.37 14.67 -18.97
N PRO A 121 5.45 15.04 -19.66
CA PRO A 121 6.80 14.81 -19.06
C PRO A 121 7.00 15.64 -17.84
N GLY A 122 6.36 16.79 -17.64
CA GLY A 122 6.58 17.56 -16.38
C GLY A 122 5.90 16.92 -15.20
N GLU A 123 4.99 15.94 -15.35
CA GLU A 123 4.33 15.38 -14.17
C GLU A 123 5.29 14.70 -13.22
N GLU A 124 6.02 13.67 -13.71
CA GLU A 124 6.98 12.89 -12.89
C GLU A 124 8.25 13.68 -12.53
N LYS A 125 8.55 14.75 -13.22
CA LYS A 125 9.68 15.68 -12.87
C LYS A 125 9.15 16.73 -11.88
N ASN A 126 7.86 16.89 -11.58
CA ASN A 126 7.32 17.90 -10.65
C ASN A 126 7.66 19.29 -11.22
N ASP A 127 7.46 19.53 -12.48
CA ASP A 127 7.77 20.81 -13.10
C ASP A 127 6.80 21.87 -12.56
N PRO A 128 7.32 22.99 -12.01
CA PRO A 128 6.46 24.05 -11.46
C PRO A 128 5.56 24.62 -12.53
N GLU A 129 5.92 24.66 -13.78
CA GLU A 129 5.11 25.17 -14.85
C GLU A 129 3.89 24.26 -15.04
N LEU A 130 4.05 22.94 -14.89
CA LEU A 130 2.91 22.05 -15.06
C LEU A 130 2.07 22.19 -13.79
N ALA A 131 2.73 22.27 -12.64
CA ALA A 131 2.00 22.42 -11.38
C ALA A 131 1.07 23.70 -11.37
N LYS A 132 1.61 24.78 -11.88
CA LYS A 132 0.89 26.08 -12.01
C LYS A 132 -0.27 25.95 -13.00
N ALA A 133 -0.14 25.28 -14.10
CA ALA A 133 -1.21 25.06 -15.11
C ALA A 133 -2.35 24.30 -14.48
N PHE A 134 -2.07 23.31 -13.63
CA PHE A 134 -3.06 22.52 -12.89
C PHE A 134 -3.77 23.43 -11.87
N ALA A 135 -2.96 24.20 -11.15
CA ALA A 135 -3.52 25.08 -10.09
C ALA A 135 -4.43 26.14 -10.74
N GLU A 136 -4.20 26.59 -11.95
CA GLU A 136 -5.03 27.59 -12.60
C GLU A 136 -6.43 27.09 -12.78
N LEU A 137 -6.68 25.79 -12.86
CA LEU A 137 -8.02 25.21 -13.04
C LEU A 137 -8.89 25.20 -11.78
N ALA A 138 -8.46 25.45 -10.58
CA ALA A 138 -9.28 25.31 -9.39
C ALA A 138 -9.01 26.30 -8.29
N ASP A 139 -9.86 26.18 -7.28
CA ASP A 139 -9.83 26.97 -6.08
C ASP A 139 -9.22 26.22 -4.90
N LEU A 140 -9.31 24.87 -4.93
CA LEU A 140 -8.85 24.05 -3.81
C LEU A 140 -8.29 22.68 -4.34
N TYR A 141 -7.35 22.16 -3.58
CA TYR A 141 -6.74 20.86 -3.96
C TYR A 141 -7.06 19.84 -2.89
N VAL A 142 -7.53 18.66 -3.35
CA VAL A 142 -7.81 17.57 -2.41
C VAL A 142 -6.91 16.37 -2.82
N ASN A 143 -6.15 15.82 -1.92
CA ASN A 143 -5.30 14.64 -2.24
C ASN A 143 -5.94 13.40 -1.61
N ASP A 144 -6.48 12.49 -2.45
CA ASP A 144 -7.10 11.30 -1.91
C ASP A 144 -6.30 10.07 -2.46
N ALA A 145 -5.04 10.26 -2.82
CA ALA A 145 -4.27 9.09 -3.41
C ALA A 145 -3.07 8.79 -2.53
N PHE A 146 -3.23 8.15 -1.41
CA PHE A 146 -2.09 7.86 -0.50
C PHE A 146 -1.03 7.02 -1.26
N GLY A 147 -1.39 6.08 -2.13
CA GLY A 147 -0.48 5.22 -2.90
C GLY A 147 0.36 6.01 -3.86
N ALA A 148 0.10 7.29 -4.16
CA ALA A 148 0.91 8.11 -5.04
C ALA A 148 1.59 9.24 -4.23
N ALA A 149 1.36 9.42 -2.96
CA ALA A 149 1.90 10.55 -2.14
C ALA A 149 3.36 10.41 -1.75
N HIS A 150 3.92 9.23 -1.98
CA HIS A 150 5.32 8.99 -1.62
C HIS A 150 6.22 9.55 -2.65
N ARG A 151 5.87 10.01 -3.80
CA ARG A 151 6.75 10.64 -4.80
C ARG A 151 6.27 12.09 -5.03
N ALA A 152 7.18 13.02 -5.23
CA ALA A 152 6.85 14.43 -5.48
C ALA A 152 6.63 14.65 -6.97
N HIS A 153 5.37 14.59 -7.40
CA HIS A 153 4.96 14.77 -8.80
C HIS A 153 4.08 16.06 -8.91
N ALA A 154 3.94 16.62 -10.11
CA ALA A 154 3.13 17.87 -10.19
C ALA A 154 1.73 17.74 -9.61
N SER A 155 1.04 16.62 -9.85
CA SER A 155 -0.34 16.42 -9.33
C SER A 155 -0.45 15.93 -7.93
N THR A 156 0.68 15.47 -7.31
CA THR A 156 0.64 14.92 -5.95
C THR A 156 1.36 15.81 -4.91
N GLU A 157 2.10 16.80 -5.41
CA GLU A 157 2.88 17.70 -4.56
C GLU A 157 3.06 19.12 -5.08
N GLY A 158 3.50 19.30 -6.30
CA GLY A 158 3.74 20.59 -6.90
C GLY A 158 2.56 21.58 -6.74
N ILE A 159 1.38 21.09 -7.13
CA ILE A 159 0.11 21.86 -7.13
C ILE A 159 -0.21 22.34 -5.71
N ALA A 160 0.14 21.65 -4.64
CA ALA A 160 -0.13 22.02 -3.27
C ALA A 160 0.69 23.26 -2.84
N HIS A 161 1.67 23.74 -3.59
CA HIS A 161 2.42 24.94 -3.23
C HIS A 161 1.59 26.16 -3.68
N TYR A 162 0.58 25.99 -4.55
CA TYR A 162 -0.21 27.08 -5.14
C TYR A 162 -1.64 27.11 -4.67
N LEU A 163 -2.26 26.15 -4.04
CA LEU A 163 -3.63 26.16 -3.56
C LEU A 163 -3.73 25.57 -2.18
N PRO A 164 -4.76 25.93 -1.43
CA PRO A 164 -5.03 25.34 -0.14
C PRO A 164 -5.15 23.80 -0.52
N ALA A 165 -4.64 23.01 0.36
CA ALA A 165 -4.56 21.56 0.15
C ALA A 165 -4.99 20.77 1.33
N VAL A 166 -5.98 19.91 1.20
CA VAL A 166 -6.58 19.07 2.22
C VAL A 166 -6.62 17.58 1.77
N ALA A 167 -6.84 16.70 2.72
CA ALA A 167 -7.01 15.26 2.49
C ALA A 167 -8.44 14.85 2.20
N GLY A 168 -8.60 13.84 1.36
CA GLY A 168 -9.89 13.19 1.09
C GLY A 168 -10.04 12.14 2.21
N PHE A 169 -11.16 11.40 2.17
CA PHE A 169 -11.46 10.36 3.18
C PHE A 169 -10.54 9.11 3.19
N LEU A 170 -10.03 8.70 2.04
CA LEU A 170 -9.17 7.50 2.06
C LEU A 170 -7.82 7.90 2.65
N MET A 171 -7.27 9.02 2.18
CA MET A 171 -6.00 9.61 2.65
C MET A 171 -6.13 9.72 4.17
N GLU A 172 -7.27 10.29 4.66
CA GLU A 172 -7.44 10.47 6.11
C GLU A 172 -7.42 9.14 6.87
N LYS A 173 -8.04 8.13 6.35
CA LYS A 173 -8.02 6.82 7.05
C LYS A 173 -6.59 6.27 7.11
N GLU A 174 -5.85 6.36 6.02
CA GLU A 174 -4.45 5.84 6.01
C GLU A 174 -3.59 6.59 7.02
N LEU A 175 -3.70 7.93 7.01
CA LEU A 175 -2.89 8.66 8.00
C LEU A 175 -3.30 8.39 9.46
N GLU A 176 -4.58 8.23 9.76
CA GLU A 176 -4.98 8.00 11.16
C GLU A 176 -4.51 6.65 11.70
N VAL A 177 -4.72 5.59 10.92
CA VAL A 177 -4.37 4.21 11.33
C VAL A 177 -2.84 4.02 11.35
N LEU A 178 -2.13 4.33 10.28
CA LEU A 178 -0.69 4.16 10.18
C LEU A 178 -0.01 5.15 11.16
N GLY A 179 -0.49 6.38 11.19
CA GLY A 179 0.04 7.38 12.11
C GLY A 179 -0.03 6.86 13.53
N LYS A 180 -1.14 6.39 14.01
CA LYS A 180 -1.32 5.89 15.38
C LYS A 180 -0.47 4.64 15.64
N ALA A 181 -0.31 3.78 14.63
CA ALA A 181 0.54 2.58 14.86
C ALA A 181 1.98 3.00 15.14
N LEU A 182 2.46 4.02 14.44
CA LEU A 182 3.81 4.41 14.73
C LEU A 182 3.99 5.29 15.94
N SER A 183 3.05 6.17 16.19
CA SER A 183 3.15 7.19 17.24
C SER A 183 2.60 6.81 18.59
N ASN A 184 1.53 6.03 18.65
CA ASN A 184 0.97 5.64 19.95
C ASN A 184 0.34 4.28 19.94
N PRO A 185 1.14 3.22 19.68
CA PRO A 185 0.54 1.91 19.59
C PRO A 185 -0.05 1.32 20.84
N ASP A 186 -1.07 0.47 20.63
CA ASP A 186 -1.69 -0.31 21.69
C ASP A 186 -0.66 -1.48 21.87
N ARG A 187 -0.50 -1.90 23.09
CA ARG A 187 0.48 -2.94 23.47
C ARG A 187 -0.16 -4.12 24.13
N PRO A 188 0.41 -5.31 23.96
CA PRO A 188 1.63 -5.58 23.21
C PRO A 188 1.48 -5.32 21.72
N PHE A 189 2.50 -4.75 21.14
CA PHE A 189 2.57 -4.42 19.72
C PHE A 189 3.53 -5.44 19.02
N THR A 190 2.96 -6.19 18.05
CA THR A 190 3.73 -7.18 17.27
C THR A 190 3.80 -6.83 15.84
N ALA A 191 4.98 -6.88 15.19
CA ALA A 191 5.09 -6.65 13.75
C ALA A 191 5.45 -8.06 13.15
N ILE A 192 4.89 -8.37 12.03
CA ILE A 192 5.17 -9.67 11.33
C ILE A 192 5.71 -9.21 10.00
N ILE A 193 6.97 -9.58 9.67
CA ILE A 193 7.64 -9.17 8.42
C ILE A 193 8.04 -10.43 7.59
N GLY A 194 7.51 -10.54 6.41
CA GLY A 194 7.75 -11.66 5.53
C GLY A 194 8.22 -11.10 4.19
N GLY A 195 7.88 -11.81 3.11
CA GLY A 195 8.30 -11.40 1.77
C GLY A 195 9.53 -12.20 1.33
N ALA A 196 10.10 -11.78 0.23
CA ALA A 196 11.25 -12.42 -0.44
C ALA A 196 12.65 -12.08 -0.01
N LYS A 197 12.97 -10.79 -0.02
CA LYS A 197 14.32 -10.28 0.31
C LYS A 197 14.44 -9.32 1.47
N VAL A 198 15.48 -9.53 2.25
CA VAL A 198 15.69 -8.61 3.39
C VAL A 198 16.01 -7.25 2.80
N LYS A 199 16.67 -7.18 1.66
CA LYS A 199 17.05 -5.93 1.01
C LYS A 199 15.88 -4.95 0.94
N ASP A 200 14.71 -5.48 0.63
CA ASP A 200 13.45 -4.75 0.47
C ASP A 200 12.86 -4.27 1.78
N LYS A 201 13.20 -4.92 2.91
CA LYS A 201 12.63 -4.59 4.20
C LYS A 201 13.59 -3.97 5.22
N ILE A 202 14.79 -3.63 4.82
CA ILE A 202 15.69 -3.04 5.79
C ILE A 202 15.15 -1.85 6.59
N GLY A 203 14.52 -0.90 5.89
CA GLY A 203 14.00 0.33 6.56
C GLY A 203 12.87 0.09 7.51
N VAL A 204 11.97 -0.81 7.08
CA VAL A 204 10.81 -1.17 7.92
C VAL A 204 11.26 -1.91 9.20
N ILE A 205 12.17 -2.90 9.01
CA ILE A 205 12.61 -3.63 10.24
C ILE A 205 13.35 -2.65 11.15
N ASP A 206 14.19 -1.85 10.57
CA ASP A 206 14.98 -0.89 11.40
C ASP A 206 14.12 0.00 12.30
N ASN A 207 13.10 0.60 11.61
CA ASN A 207 12.19 1.51 12.34
C ASN A 207 11.25 0.77 13.30
N LEU A 208 10.65 -0.37 12.92
CA LEU A 208 9.76 -1.07 13.84
C LEU A 208 10.37 -1.60 15.11
N LEU A 209 11.68 -1.88 15.02
CA LEU A 209 12.46 -2.36 16.17
C LEU A 209 12.55 -1.28 17.27
N GLU A 210 12.37 -0.07 16.93
CA GLU A 210 12.36 1.06 17.90
C GLU A 210 11.01 1.11 18.62
N LYS A 211 9.99 0.40 18.13
CA LYS A 211 8.63 0.47 18.66
C LYS A 211 7.91 -0.75 19.15
N VAL A 212 8.14 -1.92 18.49
CA VAL A 212 7.41 -3.11 18.88
C VAL A 212 7.88 -3.84 20.16
N ASP A 213 7.00 -4.66 20.68
CA ASP A 213 7.24 -5.54 21.78
C ASP A 213 7.79 -6.89 21.19
N ASN A 214 7.15 -7.35 20.10
CA ASN A 214 7.53 -8.61 19.47
C ASN A 214 7.81 -8.43 17.98
N LEU A 215 8.84 -9.08 17.42
CA LEU A 215 9.04 -8.98 15.96
C LEU A 215 9.04 -10.43 15.44
N ILE A 216 8.18 -10.77 14.50
CA ILE A 216 8.16 -12.16 13.94
C ILE A 216 8.60 -12.07 12.48
N ILE A 217 9.51 -12.96 12.04
CA ILE A 217 10.01 -12.97 10.64
C ILE A 217 9.60 -14.24 9.93
N GLY A 218 9.29 -14.19 8.64
CA GLY A 218 8.91 -15.39 7.85
C GLY A 218 9.31 -15.08 6.41
N GLY A 219 8.71 -15.83 5.45
CA GLY A 219 8.97 -15.61 4.02
C GLY A 219 10.40 -16.05 3.68
N GLY A 220 10.91 -15.63 2.56
CA GLY A 220 12.32 -16.00 2.12
C GLY A 220 13.33 -15.19 2.90
N LEU A 221 12.83 -14.08 3.48
CA LEU A 221 13.61 -13.15 4.30
C LEU A 221 14.31 -13.88 5.43
N ALA A 222 13.56 -14.76 6.06
CA ALA A 222 14.00 -15.52 7.25
C ALA A 222 15.27 -16.39 6.98
N TYR A 223 15.53 -16.83 5.73
CA TYR A 223 16.72 -17.73 5.56
C TYR A 223 18.04 -17.01 5.73
N THR A 224 18.05 -15.68 5.46
CA THR A 224 19.28 -14.91 5.68
C THR A 224 19.57 -14.90 7.21
N PHE A 225 18.55 -14.79 8.08
CA PHE A 225 18.73 -14.76 9.51
C PHE A 225 19.16 -16.13 10.04
N VAL A 226 18.57 -17.17 9.45
CA VAL A 226 18.91 -18.56 9.90
C VAL A 226 20.39 -18.83 9.57
N LYS A 227 20.84 -18.40 8.39
CA LYS A 227 22.25 -18.58 7.98
C LYS A 227 23.13 -17.77 8.91
N ALA A 228 22.74 -16.57 9.27
CA ALA A 228 23.44 -15.68 10.21
C ALA A 228 23.66 -16.46 11.54
N LEU A 229 22.81 -17.37 11.95
CA LEU A 229 22.90 -18.14 13.16
C LEU A 229 23.76 -19.40 12.98
N GLY A 230 24.30 -19.64 11.82
CA GLY A 230 25.18 -20.73 11.46
C GLY A 230 24.53 -21.97 10.95
N HIS A 231 23.33 -21.95 10.44
CA HIS A 231 22.62 -23.11 9.89
C HIS A 231 22.61 -23.01 8.36
N ASP A 232 22.70 -24.16 7.72
CA ASP A 232 22.65 -24.24 6.27
C ASP A 232 21.14 -24.11 5.94
N VAL A 233 20.86 -23.47 4.79
CA VAL A 233 19.51 -23.22 4.28
C VAL A 233 19.28 -23.89 2.93
N GLY A 234 20.15 -24.85 2.63
CA GLY A 234 19.99 -25.59 1.36
C GLY A 234 19.96 -24.66 0.20
N LYS A 235 19.01 -24.88 -0.69
CA LYS A 235 18.84 -24.04 -1.90
C LYS A 235 17.84 -22.89 -1.68
N SER A 236 17.58 -22.48 -0.46
CA SER A 236 16.61 -21.38 -0.18
C SER A 236 17.11 -19.99 -0.57
N LEU A 237 16.19 -19.02 -0.80
CA LEU A 237 16.60 -17.61 -1.08
C LEU A 237 17.49 -17.14 0.07
N LEU A 238 18.63 -16.55 -0.23
CA LEU A 238 19.68 -16.09 0.71
C LEU A 238 20.39 -14.84 0.14
N GLU A 239 20.68 -13.89 1.03
CA GLU A 239 21.42 -12.69 0.57
C GLU A 239 22.64 -12.64 1.45
N GLU A 240 23.68 -13.29 0.97
CA GLU A 240 24.96 -13.42 1.71
C GLU A 240 25.60 -12.12 2.11
N ASP A 241 25.38 -11.11 1.31
CA ASP A 241 25.94 -9.78 1.59
C ASP A 241 25.23 -9.08 2.73
N LYS A 242 24.16 -9.62 3.30
CA LYS A 242 23.36 -8.99 4.37
C LYS A 242 23.45 -9.76 5.63
N ILE A 243 24.35 -10.72 5.75
CA ILE A 243 24.50 -11.55 6.95
C ILE A 243 24.85 -10.68 8.15
N GLU A 244 25.73 -9.71 7.95
CA GLU A 244 26.14 -8.85 9.08
C GLU A 244 25.00 -7.92 9.50
N LEU A 245 24.22 -7.48 8.52
CA LEU A 245 23.07 -6.62 8.79
C LEU A 245 22.09 -7.44 9.64
N ALA A 246 21.80 -8.68 9.26
CA ALA A 246 20.91 -9.60 9.99
C ALA A 246 21.39 -9.74 11.43
N LYS A 247 22.68 -9.97 11.70
CA LYS A 247 23.18 -10.09 13.05
C LYS A 247 23.00 -8.75 13.74
N SER A 248 23.18 -7.58 13.12
CA SER A 248 22.94 -6.28 13.80
C SER A 248 21.47 -6.11 14.26
N PHE A 249 20.54 -6.54 13.39
CA PHE A 249 19.10 -6.47 13.72
C PHE A 249 18.75 -7.32 14.91
N MET A 250 19.25 -8.54 15.03
CA MET A 250 19.07 -9.43 16.17
C MET A 250 19.71 -8.82 17.45
N GLU A 251 20.83 -8.15 17.29
CA GLU A 251 21.50 -7.50 18.42
C GLU A 251 20.70 -6.28 18.81
N LYS A 252 20.19 -5.54 17.86
CA LYS A 252 19.30 -4.37 18.19
C LYS A 252 18.07 -4.90 18.92
N ALA A 253 17.45 -6.01 18.50
CA ALA A 253 16.27 -6.59 19.21
C ALA A 253 16.60 -6.89 20.67
N LYS A 254 17.77 -7.51 20.94
CA LYS A 254 18.21 -7.83 22.31
C LYS A 254 18.34 -6.58 23.18
N GLU A 255 19.07 -5.60 22.69
CA GLU A 255 19.29 -4.33 23.39
C GLU A 255 17.96 -3.64 23.72
N LYS A 256 17.00 -3.67 22.77
CA LYS A 256 15.73 -3.02 23.01
C LYS A 256 14.81 -3.92 23.82
N GLY A 257 15.03 -5.14 24.17
CA GLY A 257 14.11 -5.97 24.94
C GLY A 257 13.01 -6.50 24.01
N VAL A 258 13.19 -6.55 22.70
CA VAL A 258 12.13 -7.09 21.80
C VAL A 258 12.20 -8.61 21.74
N ARG A 259 11.12 -9.31 21.82
CA ARG A 259 11.08 -10.79 21.68
C ARG A 259 11.12 -11.02 20.15
N PHE A 260 12.12 -11.78 19.71
CA PHE A 260 12.37 -12.03 18.29
C PHE A 260 11.99 -13.45 17.93
N TYR A 261 11.07 -13.64 17.00
CA TYR A 261 10.65 -14.98 16.63
C TYR A 261 11.01 -15.26 15.17
N MET A 262 11.46 -16.52 14.93
CA MET A 262 11.77 -16.91 13.52
C MET A 262 11.31 -18.39 13.47
N PRO A 263 11.21 -18.95 12.28
CA PRO A 263 10.69 -20.30 12.12
C PRO A 263 11.43 -21.40 12.87
N VAL A 264 10.63 -22.31 13.39
CA VAL A 264 11.23 -23.47 14.09
C VAL A 264 11.17 -24.73 13.17
N ASP A 265 10.36 -24.71 12.12
CA ASP A 265 10.12 -25.77 11.11
C ASP A 265 9.78 -25.09 9.78
N VAL A 266 9.99 -25.82 8.69
CA VAL A 266 9.77 -25.32 7.35
C VAL A 266 9.25 -26.48 6.44
N VAL A 267 8.62 -26.02 5.35
CA VAL A 267 8.12 -26.94 4.35
C VAL A 267 9.19 -26.82 3.25
N VAL A 268 9.87 -27.96 2.98
CA VAL A 268 10.92 -27.95 1.91
C VAL A 268 10.45 -28.75 0.66
N ALA A 269 10.96 -28.32 -0.49
CA ALA A 269 10.57 -28.95 -1.75
C ALA A 269 11.82 -29.34 -2.54
N ASP A 270 11.66 -30.47 -3.29
CA ASP A 270 12.84 -30.88 -4.10
C ASP A 270 12.97 -30.13 -5.41
N ARG A 271 12.01 -29.35 -5.85
CA ARG A 271 11.89 -28.56 -7.06
C ARG A 271 10.91 -27.38 -6.80
N PHE A 272 11.15 -26.35 -7.56
CA PHE A 272 10.34 -25.13 -7.53
C PHE A 272 9.08 -25.35 -8.39
N ALA A 273 8.11 -26.05 -7.83
CA ALA A 273 6.86 -26.37 -8.50
C ALA A 273 5.80 -26.85 -7.52
N ASN A 274 4.54 -26.57 -7.96
CA ASN A 274 3.36 -26.90 -7.17
C ASN A 274 3.24 -28.39 -6.93
N ASP A 275 3.72 -29.21 -7.87
CA ASP A 275 3.69 -30.69 -7.74
C ASP A 275 5.02 -31.33 -7.25
N ALA A 276 5.94 -30.54 -6.68
CA ALA A 276 7.21 -31.00 -6.15
C ALA A 276 6.96 -31.94 -4.97
N ASN A 277 8.03 -32.74 -4.66
CA ASN A 277 7.94 -33.63 -3.51
C ASN A 277 8.17 -32.62 -2.31
N THR A 278 7.43 -32.80 -1.24
CA THR A 278 7.71 -31.86 -0.12
C THR A 278 7.78 -32.60 1.19
N LYS A 279 8.32 -31.99 2.25
CA LYS A 279 8.31 -32.63 3.56
C LYS A 279 8.52 -31.47 4.58
N VAL A 280 8.18 -31.79 5.81
CA VAL A 280 8.38 -30.83 6.91
C VAL A 280 9.68 -31.14 7.65
N VAL A 281 10.53 -30.14 7.90
CA VAL A 281 11.76 -30.45 8.70
C VAL A 281 11.98 -29.31 9.68
N PRO A 282 12.69 -29.57 10.77
CA PRO A 282 13.10 -28.54 11.73
C PRO A 282 14.02 -27.57 11.01
N ILE A 283 14.13 -26.32 11.57
CA ILE A 283 14.93 -25.30 10.90
C ILE A 283 16.43 -25.57 10.78
N ASP A 284 16.87 -26.44 11.72
CA ASP A 284 18.32 -26.76 11.67
C ASP A 284 18.55 -28.04 10.87
N ALA A 285 17.67 -28.47 10.02
CA ALA A 285 17.92 -29.67 9.25
C ALA A 285 17.36 -29.56 7.88
N ILE A 286 17.55 -28.38 7.28
CA ILE A 286 17.10 -28.23 5.87
C ILE A 286 18.10 -29.02 4.97
N PRO A 287 17.62 -29.97 4.19
CA PRO A 287 18.45 -30.78 3.27
C PRO A 287 19.26 -29.81 2.43
N ALA A 288 20.57 -30.13 2.19
CA ALA A 288 21.44 -29.24 1.42
C ALA A 288 20.98 -28.99 0.02
N ASP A 289 20.22 -29.86 -0.63
CA ASP A 289 19.77 -29.70 -2.00
C ASP A 289 18.23 -29.56 -2.10
N TRP A 290 17.60 -29.13 -1.00
CA TRP A 290 16.12 -28.86 -1.08
C TRP A 290 15.95 -27.34 -0.78
N SER A 291 14.77 -26.79 -1.05
CA SER A 291 14.47 -25.38 -0.79
C SER A 291 13.34 -25.22 0.25
N ALA A 292 13.46 -24.29 1.18
CA ALA A 292 12.33 -24.05 2.13
C ALA A 292 11.42 -22.97 1.46
N LEU A 293 10.18 -23.33 1.20
CA LEU A 293 9.21 -22.44 0.52
C LEU A 293 8.03 -22.01 1.43
N ASP A 294 7.93 -22.47 2.65
CA ASP A 294 6.85 -22.03 3.57
C ASP A 294 7.25 -22.35 5.00
N ILE A 295 6.59 -21.71 5.95
CA ILE A 295 6.81 -22.00 7.38
C ILE A 295 6.04 -23.27 7.71
N GLY A 296 6.50 -24.10 8.65
CA GLY A 296 5.86 -25.37 8.98
C GLY A 296 4.76 -25.20 10.03
N PRO A 297 4.21 -26.35 10.38
CA PRO A 297 3.10 -26.48 11.34
C PRO A 297 3.38 -25.98 12.73
N LYS A 298 4.53 -26.29 13.26
CA LYS A 298 4.81 -25.80 14.63
C LYS A 298 4.99 -24.26 14.65
N THR A 299 5.56 -23.74 13.56
CA THR A 299 5.79 -22.29 13.46
C THR A 299 4.38 -21.63 13.32
N ARG A 300 3.51 -22.25 12.55
CA ARG A 300 2.16 -21.57 12.43
C ARG A 300 1.54 -21.45 13.78
N GLU A 301 1.68 -22.50 14.61
CA GLU A 301 1.09 -22.55 15.94
C GLU A 301 1.64 -21.50 16.90
N LEU A 302 2.96 -21.38 16.85
CA LEU A 302 3.70 -20.46 17.67
C LEU A 302 3.27 -19.04 17.27
N TYR A 303 3.31 -18.75 15.99
CA TYR A 303 2.96 -17.36 15.53
C TYR A 303 1.49 -17.09 15.95
N ARG A 304 0.60 -18.02 15.74
CA ARG A 304 -0.80 -17.78 16.18
C ARG A 304 -0.86 -17.41 17.66
N ASP A 305 -0.13 -18.09 18.57
CA ASP A 305 -0.08 -17.83 20.00
C ASP A 305 0.44 -16.39 20.26
N VAL A 306 1.48 -15.96 19.56
CA VAL A 306 1.96 -14.57 19.81
C VAL A 306 0.90 -13.53 19.37
N ILE A 307 0.24 -13.81 18.23
CA ILE A 307 -0.79 -12.90 17.68
C ILE A 307 -1.90 -12.78 18.72
N ARG A 308 -2.32 -13.91 19.29
CA ARG A 308 -3.40 -13.95 20.29
C ARG A 308 -3.11 -13.15 21.54
N GLU A 309 -1.85 -12.97 21.88
CA GLU A 309 -1.48 -12.17 23.03
C GLU A 309 -1.14 -10.75 22.62
N SER A 310 -1.40 -10.30 21.42
CA SER A 310 -1.05 -8.91 21.08
C SER A 310 -2.35 -8.08 20.92
N LYS A 311 -2.18 -6.79 21.22
CA LYS A 311 -3.38 -5.88 21.07
C LYS A 311 -3.38 -5.24 19.70
N LEU A 312 -2.19 -5.02 19.11
CA LEU A 312 -2.02 -4.46 17.76
C LEU A 312 -1.03 -5.36 16.97
N VAL A 313 -1.35 -5.60 15.73
CA VAL A 313 -0.44 -6.37 14.84
C VAL A 313 -0.28 -5.65 13.53
N VAL A 314 0.94 -5.42 13.09
CA VAL A 314 1.18 -4.84 11.78
C VAL A 314 1.80 -6.00 10.94
N TRP A 315 1.26 -6.35 9.83
CA TRP A 315 1.81 -7.45 8.99
C TRP A 315 2.17 -7.00 7.61
N ASN A 316 3.38 -7.20 7.16
CA ASN A 316 3.79 -6.92 5.78
C ASN A 316 4.61 -8.18 5.30
N GLY A 317 4.13 -8.84 4.27
CA GLY A 317 4.83 -9.94 3.57
C GLY A 317 4.41 -11.36 3.81
N PRO A 318 4.11 -12.09 2.73
CA PRO A 318 3.70 -13.52 2.81
C PRO A 318 4.77 -14.41 3.52
N MET A 319 4.23 -15.43 4.17
CA MET A 319 5.16 -16.32 4.93
C MET A 319 5.87 -17.39 4.07
N GLY A 320 5.39 -17.57 2.83
CA GLY A 320 5.92 -18.60 1.92
C GLY A 320 5.45 -18.20 0.51
N VAL A 321 5.70 -19.10 -0.44
CA VAL A 321 5.36 -18.83 -1.87
C VAL A 321 3.87 -19.15 -2.03
N PHE A 322 2.98 -18.23 -1.60
CA PHE A 322 1.54 -18.41 -1.55
C PHE A 322 0.86 -18.47 -2.94
N GLU A 323 1.62 -18.12 -3.93
CA GLU A 323 1.23 -18.19 -5.33
C GLU A 323 1.01 -19.64 -5.72
N MET A 324 1.65 -20.55 -5.05
CA MET A 324 1.51 -22.01 -5.28
C MET A 324 0.67 -22.53 -4.15
N ASP A 325 -0.42 -23.23 -4.38
CA ASP A 325 -1.22 -23.74 -3.30
C ASP A 325 -0.48 -24.60 -2.32
N ALA A 326 0.50 -25.39 -2.75
CA ALA A 326 1.22 -26.26 -1.77
C ALA A 326 2.03 -25.50 -0.71
N PHE A 327 2.36 -24.24 -1.03
CA PHE A 327 3.19 -23.38 -0.12
C PHE A 327 2.34 -22.20 0.38
N ALA A 328 1.02 -22.30 0.35
CA ALA A 328 0.20 -21.14 0.79
C ALA A 328 -0.31 -21.30 2.17
N HIS A 329 -0.24 -22.42 2.82
CA HIS A 329 -0.72 -22.74 4.15
C HIS A 329 -0.22 -21.88 5.30
N GLY A 330 1.06 -21.51 5.24
CA GLY A 330 1.66 -20.67 6.29
C GLY A 330 1.05 -19.25 6.21
N THR A 331 0.90 -18.76 5.01
CA THR A 331 0.32 -17.41 4.81
C THR A 331 -1.15 -17.42 5.27
N LYS A 332 -1.86 -18.46 4.86
CA LYS A 332 -3.26 -18.59 5.27
C LYS A 332 -3.44 -18.65 6.76
N ALA A 333 -2.56 -19.38 7.47
CA ALA A 333 -2.63 -19.56 8.88
C ALA A 333 -2.47 -18.19 9.58
N ILE A 334 -1.62 -17.32 9.06
CA ILE A 334 -1.45 -15.99 9.71
C ILE A 334 -2.74 -15.15 9.52
N ALA A 335 -3.26 -15.22 8.31
CA ALA A 335 -4.52 -14.45 8.01
C ALA A 335 -5.61 -14.98 8.89
N GLU A 336 -5.76 -16.29 9.01
CA GLU A 336 -6.83 -16.80 9.85
C GLU A 336 -6.61 -16.47 11.30
N ALA A 337 -5.39 -16.50 11.83
CA ALA A 337 -5.16 -16.18 13.25
C ALA A 337 -5.60 -14.72 13.49
N LEU A 338 -5.32 -13.80 12.58
CA LEU A 338 -5.69 -12.35 12.74
C LEU A 338 -7.25 -12.23 12.73
N ALA A 339 -7.89 -12.91 11.80
CA ALA A 339 -9.36 -12.86 11.62
C ALA A 339 -10.06 -13.34 12.85
N GLU A 340 -9.49 -14.36 13.51
CA GLU A 340 -10.09 -14.91 14.72
C GLU A 340 -9.70 -14.31 16.04
N ALA A 341 -8.70 -13.46 16.14
CA ALA A 341 -8.22 -12.86 17.38
C ALA A 341 -9.21 -11.72 17.70
N LEU A 342 -10.00 -11.98 18.71
CA LEU A 342 -11.02 -11.08 19.20
C LEU A 342 -10.54 -9.72 19.68
N ASP A 343 -9.43 -9.64 20.39
CA ASP A 343 -8.97 -8.33 20.90
C ASP A 343 -7.68 -7.84 20.29
N THR A 344 -7.45 -8.25 19.08
CA THR A 344 -6.25 -7.81 18.37
C THR A 344 -6.63 -6.97 17.15
N TYR A 345 -6.08 -5.78 17.10
CA TYR A 345 -6.35 -4.89 15.95
C TYR A 345 -5.34 -5.24 14.86
N SER A 346 -5.79 -5.51 13.64
CA SER A 346 -4.90 -5.90 12.53
C SER A 346 -4.71 -4.88 11.45
N VAL A 347 -3.41 -4.61 11.12
CA VAL A 347 -3.08 -3.68 10.04
C VAL A 347 -2.30 -4.42 8.96
N ILE A 348 -2.65 -4.48 7.73
CA ILE A 348 -1.90 -5.20 6.67
C ILE A 348 -1.34 -4.20 5.69
N GLY A 349 -0.10 -4.25 5.23
CA GLY A 349 0.46 -3.32 4.22
C GLY A 349 1.22 -4.16 3.18
N GLY A 350 1.34 -3.77 1.95
CA GLY A 350 2.08 -4.49 0.90
C GLY A 350 1.12 -5.12 -0.12
N GLY A 351 1.54 -5.00 -1.39
CA GLY A 351 0.81 -5.49 -2.54
C GLY A 351 0.41 -6.93 -2.45
N ASP A 352 1.41 -7.81 -2.29
CA ASP A 352 1.16 -9.28 -2.23
C ASP A 352 0.39 -9.66 -1.00
N SER A 353 0.69 -9.02 0.13
CA SER A 353 0.01 -9.33 1.37
C SER A 353 -1.52 -8.99 1.25
N ALA A 354 -1.82 -7.80 0.65
CA ALA A 354 -3.27 -7.45 0.48
C ALA A 354 -3.96 -8.52 -0.42
N ALA A 355 -3.28 -8.89 -1.49
CA ALA A 355 -3.74 -9.90 -2.46
C ALA A 355 -4.01 -11.26 -1.83
N ALA A 356 -3.07 -11.70 -1.01
CA ALA A 356 -3.18 -12.94 -0.28
C ALA A 356 -4.42 -12.99 0.58
N VAL A 357 -4.67 -11.95 1.37
CA VAL A 357 -5.85 -11.87 2.24
C VAL A 357 -7.18 -11.87 1.46
N GLU A 358 -7.16 -11.20 0.35
CA GLU A 358 -8.34 -11.10 -0.55
C GLU A 358 -8.63 -12.52 -1.10
N LYS A 359 -7.57 -13.10 -1.59
CA LYS A 359 -7.58 -14.47 -2.16
C LYS A 359 -8.16 -15.47 -1.21
N PHE A 360 -7.79 -15.43 0.08
CA PHE A 360 -8.34 -16.34 1.08
C PHE A 360 -9.77 -15.96 1.54
N GLY A 361 -10.32 -14.83 1.11
CA GLY A 361 -11.63 -14.30 1.46
C GLY A 361 -11.70 -13.72 2.86
N LEU A 362 -10.62 -13.12 3.39
CA LEU A 362 -10.64 -12.65 4.78
C LEU A 362 -10.48 -11.14 4.90
N ALA A 363 -10.50 -10.45 3.78
CA ALA A 363 -10.30 -8.98 3.81
C ALA A 363 -11.23 -8.29 4.80
N ASP A 364 -12.50 -8.62 4.91
CA ASP A 364 -13.41 -7.92 5.86
C ASP A 364 -13.27 -8.23 7.33
N LYS A 365 -12.42 -9.20 7.65
CA LYS A 365 -12.16 -9.57 9.03
C LYS A 365 -10.94 -8.81 9.60
N MET A 366 -10.28 -8.08 8.74
CA MET A 366 -9.10 -7.30 9.20
C MET A 366 -9.54 -5.88 9.60
N ASP A 367 -8.81 -5.21 10.50
CA ASP A 367 -9.22 -3.83 10.85
C ASP A 367 -8.82 -2.89 9.75
N HIS A 368 -7.64 -3.00 9.20
CA HIS A 368 -7.22 -2.06 8.14
C HIS A 368 -6.30 -2.71 7.12
N ILE A 369 -6.68 -2.59 5.87
CA ILE A 369 -5.84 -3.11 4.76
C ILE A 369 -5.36 -1.86 4.03
N SER A 370 -4.12 -1.53 4.12
CA SER A 370 -3.58 -0.37 3.44
C SER A 370 -3.68 -0.52 1.94
N THR A 371 -4.03 0.63 1.31
CA THR A 371 -4.20 0.80 -0.13
C THR A 371 -2.94 1.34 -0.80
N GLY A 372 -2.01 1.81 0.02
CA GLY A 372 -0.81 2.48 -0.48
C GLY A 372 0.32 1.73 -1.09
N GLY A 373 0.33 0.41 -1.01
CA GLY A 373 1.43 -0.40 -1.58
C GLY A 373 2.77 0.08 -1.00
N GLY A 374 3.65 0.47 -1.91
CA GLY A 374 4.97 1.01 -1.58
C GLY A 374 4.95 2.24 -0.70
N ALA A 375 3.94 3.12 -0.85
CA ALA A 375 3.83 4.31 0.00
C ALA A 375 3.58 3.85 1.41
N SER A 376 2.87 2.75 1.68
CA SER A 376 2.65 2.30 3.09
C SER A 376 3.98 1.86 3.73
N LEU A 377 4.78 1.21 2.89
CA LEU A 377 6.09 0.74 3.50
C LEU A 377 7.01 1.88 3.84
N GLU A 378 7.10 2.85 2.96
CA GLU A 378 7.94 4.03 3.19
C GLU A 378 7.48 4.82 4.40
N PHE A 379 6.17 4.89 4.64
CA PHE A 379 5.55 5.55 5.77
C PHE A 379 6.00 4.80 7.04
N MET A 380 5.94 3.45 6.96
CA MET A 380 6.37 2.57 8.08
C MET A 380 7.89 2.63 8.36
N GLU A 381 8.71 3.09 7.42
CA GLU A 381 10.16 3.26 7.62
C GLU A 381 10.42 4.53 8.40
N GLY A 382 9.45 5.43 8.45
CA GLY A 382 9.61 6.68 9.18
C GLY A 382 9.87 7.80 8.17
N LYS A 383 9.76 7.53 6.88
CA LYS A 383 9.94 8.62 5.90
C LYS A 383 8.75 9.61 5.92
N GLN A 384 9.07 10.85 5.53
CA GLN A 384 8.12 11.97 5.42
C GLN A 384 7.67 11.95 3.97
N LEU A 385 6.46 11.50 3.71
CA LEU A 385 6.05 11.43 2.28
C LEU A 385 5.76 12.85 1.77
N PRO A 386 6.33 13.18 0.65
CA PRO A 386 6.17 14.55 0.09
C PRO A 386 4.71 14.97 -0.08
N GLY A 387 3.83 14.06 -0.57
CA GLY A 387 2.44 14.39 -0.76
C GLY A 387 1.73 14.61 0.55
N VAL A 388 2.18 14.00 1.63
CA VAL A 388 1.58 14.12 2.97
C VAL A 388 1.99 15.48 3.64
N VAL A 389 3.29 15.74 3.54
CA VAL A 389 3.87 16.98 4.10
C VAL A 389 3.24 18.23 3.48
N ALA A 390 2.89 18.23 2.20
CA ALA A 390 2.27 19.35 1.49
C ALA A 390 0.85 19.67 1.99
N LEU A 391 0.12 18.78 2.64
CA LEU A 391 -1.24 18.98 3.12
C LEU A 391 -1.26 19.86 4.36
N GLU A 392 -2.32 20.66 4.47
CA GLU A 392 -2.40 21.54 5.66
C GLU A 392 -2.85 20.80 6.90
N ASP A 393 -2.18 21.28 7.97
CA ASP A 393 -2.37 20.83 9.35
C ASP A 393 -3.62 21.49 9.92
N LYS A 394 -4.30 20.66 10.63
CA LYS A 394 -5.55 21.11 11.27
C LYS A 394 -5.06 21.84 12.52
MG MG B . 5.19 -7.42 -3.42
PB ADP C . 4.51 -7.35 -0.17
O1B ADP C . 3.31 -7.88 0.54
O2B ADP C . 4.10 -7.08 -1.54
O3B ADP C . 5.37 -6.31 0.49
PA ADP C . 6.83 -8.93 -0.99
O1A ADP C . 6.85 -8.47 -2.38
O2A ADP C . 8.00 -8.25 -0.32
O3A ADP C . 5.45 -8.74 -0.23
O5' ADP C . 7.02 -10.50 -1.14
C5' ADP C . 6.01 -11.33 -1.76
C4' ADP C . 6.82 -12.46 -2.42
O4' ADP C . 7.50 -13.22 -1.40
C3' ADP C . 5.80 -13.39 -3.10
O3' ADP C . 6.05 -13.36 -4.52
C2' ADP C . 6.23 -14.84 -2.56
O2' ADP C . 6.28 -15.99 -3.44
C1' ADP C . 7.63 -14.56 -1.97
N9 ADP C . 8.24 -15.40 -0.90
C8 ADP C . 7.75 -15.66 0.34
N7 ADP C . 8.32 -16.68 0.97
C5 ADP C . 9.27 -17.09 0.04
C6 ADP C . 10.25 -18.16 0.08
N6 ADP C . 10.33 -18.98 1.13
N1 ADP C . 11.02 -18.25 -1.01
C2 ADP C . 10.92 -17.45 -2.09
N3 ADP C . 10.06 -16.43 -2.20
C4 ADP C . 9.26 -16.31 -1.09
#